data_6HKR
#
_entry.id   6HKR
#
_cell.length_a   44.689
_cell.length_b   47.479
_cell.length_c   77.733
_cell.angle_alpha   90.00
_cell.angle_beta   90.00
_cell.angle_gamma   90.00
#
_symmetry.space_group_name_H-M   'P 21 21 21'
#
loop_
_entity.id
_entity.type
_entity.pdbx_description
1 polymer 'Cellular retinoic acid-binding protein 2'
2 non-polymer 1,2-ETHANEDIOL
3 non-polymer '4-[2-(4,4-dimethyl-1-propan-2-yl-2,3-dihydroquinolin-6-yl)ethynyl]benzoic acid'
4 non-polymer GLYCEROL
5 non-polymer 'TETRAETHYLENE GLYCOL'
6 water water
#
_entity_poly.entity_id   1
_entity_poly.type   'polypeptide(L)'
_entity_poly.pdbx_seq_one_letter_code
;MPNFSGNWKIIRSENFEELLKVLGVNVMLRKIAVAAASKPAVEIKQEGDTFYIKTSTTVRTTEINFKVGEEFEEQTVDGR
PCKSLVKWESENKMVCEQKLLKGEGPKTSWTRELTNDGELILTMTADDVVCTRVYVRE
;
_entity_poly.pdbx_strand_id   A
#
# COMPACT_ATOMS: atom_id res chain seq x y z
N MET A 1 -23.54 -1.80 2.85
CA MET A 1 -23.18 -0.57 2.10
C MET A 1 -21.68 -0.26 2.23
N PRO A 2 -20.98 -0.28 3.40
CA PRO A 2 -19.57 0.12 3.44
C PRO A 2 -18.67 -0.85 2.66
N ASN A 3 -17.68 -0.29 1.96
CA ASN A 3 -16.71 -1.08 1.25
C ASN A 3 -15.35 -0.41 1.39
N PHE A 4 -14.42 -0.63 0.46
CA PHE A 4 -13.11 0.02 0.63
C PHE A 4 -13.17 1.52 0.39
N SER A 5 -14.24 2.01 -0.23
CA SER A 5 -14.37 3.43 -0.55
C SER A 5 -14.25 4.25 0.75
N GLY A 6 -13.52 5.39 0.66
CA GLY A 6 -13.47 6.31 1.76
C GLY A 6 -12.28 7.22 1.69
N ASN A 7 -12.32 8.26 2.53
CA ASN A 7 -11.15 9.05 2.87
C ASN A 7 -10.67 8.49 4.22
N TRP A 8 -9.48 7.88 4.23
CA TRP A 8 -9.02 7.08 5.36
C TRP A 8 -7.94 7.79 6.16
N LYS A 9 -8.07 7.71 7.48
CA LYS A 9 -7.20 8.38 8.46
C LYS A 9 -6.37 7.31 9.16
N ILE A 10 -5.05 7.47 9.16
CA ILE A 10 -4.23 6.50 9.85
C ILE A 10 -4.35 6.64 11.38
N ILE A 11 -4.40 5.48 12.04
CA ILE A 11 -4.49 5.38 13.50
C ILE A 11 -3.38 4.52 14.08
N ARG A 12 -2.66 3.75 13.25
CA ARG A 12 -1.53 2.91 13.76
C ARG A 12 -0.58 2.69 12.58
N SER A 13 0.74 2.74 12.84
CA SER A 13 1.73 2.36 11.85
C SER A 13 2.81 1.56 12.57
N GLU A 14 3.20 0.42 12.00
CA GLU A 14 4.29 -0.38 12.57
C GLU A 14 5.25 -0.78 11.45
N ASN A 15 6.56 -0.68 11.71
CA ASN A 15 7.61 -1.29 10.93
C ASN A 15 7.84 -0.64 9.56
N PHE A 16 7.42 0.62 9.36
CA PHE A 16 7.66 1.29 8.08
C PHE A 16 9.14 1.54 7.82
N GLU A 17 9.87 2.01 8.82
CA GLU A 17 11.30 2.29 8.56
C GLU A 17 12.05 0.99 8.23
N GLU A 18 11.72 -0.07 8.94
CA GLU A 18 12.36 -1.39 8.70
C GLU A 18 12.08 -1.86 7.26
N LEU A 19 10.86 -1.65 6.78
CA LEU A 19 10.55 -2.00 5.41
C LEU A 19 11.47 -1.24 4.43
N LEU A 20 11.57 0.09 4.58
CA LEU A 20 12.43 0.88 3.70
C LEU A 20 13.89 0.44 3.79
N LYS A 21 14.34 0.05 4.99
CA LYS A 21 15.72 -0.39 5.14
C LYS A 21 15.98 -1.67 4.33
N VAL A 22 15.08 -2.66 4.43
CA VAL A 22 15.29 -3.87 3.68
C VAL A 22 15.30 -3.57 2.17
N LEU A 23 14.57 -2.56 1.74
CA LEU A 23 14.58 -2.15 0.33
C LEU A 23 15.80 -1.32 -0.07
N GLY A 24 16.66 -1.00 0.91
CA GLY A 24 17.92 -0.40 0.64
C GLY A 24 17.86 1.10 0.56
N VAL A 25 16.78 1.71 1.09
CA VAL A 25 16.67 3.16 1.14
C VAL A 25 17.65 3.69 2.22
N ASN A 26 18.49 4.67 1.86
CA ASN A 26 19.50 5.15 2.79
C ASN A 26 18.86 5.95 3.93
N VAL A 27 19.62 6.11 5.01
CA VAL A 27 19.16 6.66 6.30
C VAL A 27 18.45 8.00 6.12
N MET A 28 19.07 8.93 5.41
CA MET A 28 18.49 10.27 5.31
C MET A 28 17.20 10.27 4.49
N LEU A 29 17.13 9.51 3.41
CA LEU A 29 15.83 9.43 2.70
C LEU A 29 14.76 8.73 3.53
N ARG A 30 15.16 7.70 4.30
CA ARG A 30 14.21 6.99 5.16
C ARG A 30 13.61 7.99 6.15
N LYS A 31 14.46 8.86 6.74
CA LYS A 31 13.99 9.79 7.79
C LYS A 31 12.91 10.69 7.20
N ILE A 32 13.14 11.18 5.97
CA ILE A 32 12.16 12.02 5.26
C ILE A 32 10.83 11.28 5.05
N ALA A 33 10.92 10.06 4.50
CA ALA A 33 9.76 9.27 4.14
C ALA A 33 8.95 8.92 5.38
N VAL A 34 9.60 8.47 6.47
CA VAL A 34 8.94 8.06 7.69
C VAL A 34 8.13 9.24 8.22
N ALA A 35 8.75 10.41 8.27
CA ALA A 35 8.06 11.58 8.84
C ALA A 35 6.84 11.94 7.96
N ALA A 36 7.03 11.93 6.65
CA ALA A 36 5.96 12.34 5.80
C ALA A 36 4.81 11.33 5.83
N ALA A 37 5.14 10.04 5.92
CA ALA A 37 4.17 8.95 5.94
C ALA A 37 3.38 8.89 7.25
N SER A 38 3.76 9.69 8.25
CA SER A 38 3.07 9.62 9.55
C SER A 38 1.69 10.28 9.46
N LYS A 39 1.47 11.15 8.46
CA LYS A 39 0.18 11.82 8.32
C LYS A 39 -0.22 11.87 6.85
N PRO A 40 -0.51 10.71 6.24
CA PRO A 40 -0.90 10.69 4.84
C PRO A 40 -2.39 11.01 4.66
N ALA A 41 -2.75 11.41 3.44
CA ALA A 41 -4.13 11.39 3.06
C ALA A 41 -4.33 10.20 2.11
N VAL A 42 -5.41 9.46 2.34
CA VAL A 42 -5.71 8.27 1.55
C VAL A 42 -7.15 8.36 1.05
N GLU A 43 -7.30 8.32 -0.28
CA GLU A 43 -8.61 8.30 -0.89
C GLU A 43 -8.75 7.03 -1.71
N ILE A 44 -9.79 6.25 -1.41
CA ILE A 44 -10.14 5.04 -2.16
C ILE A 44 -11.51 5.21 -2.76
N LYS A 45 -11.64 4.88 -4.05
CA LYS A 45 -12.93 4.76 -4.71
C LYS A 45 -13.02 3.32 -5.24
N GLN A 46 -14.10 2.65 -4.91
CA GLN A 46 -14.34 1.27 -5.35
C GLN A 46 -15.70 1.25 -6.06
N GLU A 47 -15.70 0.60 -7.22
CA GLU A 47 -16.95 0.26 -7.91
C GLU A 47 -16.82 -1.21 -8.30
N GLY A 48 -17.41 -2.09 -7.50
CA GLY A 48 -17.27 -3.52 -7.74
C GLY A 48 -15.81 -3.92 -7.54
N ASP A 49 -15.20 -4.54 -8.54
CA ASP A 49 -13.80 -4.96 -8.47
C ASP A 49 -12.84 -3.94 -9.09
N THR A 50 -13.34 -2.71 -9.37
CA THR A 50 -12.52 -1.65 -9.94
C THR A 50 -12.22 -0.64 -8.83
N PHE A 51 -10.95 -0.29 -8.73
CA PHE A 51 -10.41 0.53 -7.63
C PHE A 51 -9.56 1.69 -8.15
N TYR A 52 -9.62 2.79 -7.41
CA TYR A 52 -8.74 3.94 -7.48
C TYR A 52 -8.24 4.18 -6.07
N ILE A 53 -6.92 4.31 -5.91
CA ILE A 53 -6.33 4.55 -4.61
C ILE A 53 -5.27 5.63 -4.74
N LYS A 54 -5.50 6.78 -4.08
CA LYS A 54 -4.55 7.86 -4.04
C LYS A 54 -4.03 8.07 -2.62
N THR A 55 -2.71 8.00 -2.48
CA THR A 55 -2.04 8.13 -1.20
C THR A 55 -1.09 9.32 -1.29
N SER A 56 -1.38 10.39 -0.51
CA SER A 56 -0.66 11.62 -0.69
C SER A 56 0.03 11.99 0.63
N THR A 57 1.23 12.53 0.46
CA THR A 57 2.05 13.16 1.49
C THR A 57 2.66 14.44 0.92
N THR A 58 3.33 15.21 1.78
CA THR A 58 3.95 16.46 1.37
C THR A 58 5.11 16.26 0.39
N VAL A 59 5.64 15.02 0.30
CA VAL A 59 6.88 14.73 -0.45
C VAL A 59 6.66 13.75 -1.60
N ARG A 60 5.49 13.10 -1.65
CA ARG A 60 5.26 12.05 -2.63
C ARG A 60 3.79 11.69 -2.59
N THR A 61 3.23 11.51 -3.80
CA THR A 61 1.86 10.99 -3.97
C THR A 61 1.91 9.83 -4.95
N THR A 62 1.13 8.79 -4.67
CA THR A 62 0.87 7.71 -5.61
C THR A 62 -0.63 7.65 -5.93
N GLU A 63 -0.95 7.38 -7.19
CA GLU A 63 -2.35 7.17 -7.62
C GLU A 63 -2.37 5.92 -8.50
N ILE A 64 -3.11 4.90 -8.08
CA ILE A 64 -3.21 3.68 -8.82
C ILE A 64 -4.67 3.42 -9.20
N ASN A 65 -4.82 2.79 -10.37
CA ASN A 65 -6.08 2.35 -10.92
C ASN A 65 -5.93 0.87 -11.28
N PHE A 66 -6.85 0.01 -10.82
CA PHE A 66 -6.73 -1.38 -11.17
C PHE A 66 -8.10 -2.03 -11.10
N LYS A 67 -8.20 -3.18 -11.75
CA LYS A 67 -9.32 -4.10 -11.56
C LYS A 67 -8.73 -5.39 -10.98
N VAL A 68 -9.38 -5.94 -9.97
CA VAL A 68 -8.97 -7.21 -9.42
C VAL A 68 -8.89 -8.26 -10.53
N GLY A 69 -7.77 -8.95 -10.57
CA GLY A 69 -7.56 -9.98 -11.55
C GLY A 69 -6.92 -9.54 -12.86
N GLU A 70 -6.64 -8.25 -13.04
CA GLU A 70 -6.06 -7.77 -14.29
C GLU A 70 -4.76 -7.05 -13.97
N GLU A 71 -3.72 -7.45 -14.68
CA GLU A 71 -2.39 -6.85 -14.46
C GLU A 71 -2.40 -5.33 -14.71
N PHE A 72 -1.57 -4.63 -13.91
CA PHE A 72 -1.41 -3.18 -14.08
C PHE A 72 0.03 -2.80 -13.73
N GLU A 73 0.42 -1.55 -13.97
CA GLU A 73 1.75 -1.08 -13.55
C GLU A 73 1.63 0.00 -12.49
N GLU A 74 2.54 -0.05 -11.50
CA GLU A 74 2.64 0.95 -10.47
C GLU A 74 4.12 1.05 -10.10
N GLN A 75 4.41 1.44 -8.88
CA GLN A 75 5.77 1.45 -8.34
C GLN A 75 5.77 0.69 -7.02
N THR A 76 6.92 0.10 -6.71
CA THR A 76 7.16 -0.42 -5.41
C THR A 76 7.12 0.76 -4.40
N VAL A 77 7.13 0.43 -3.12
CA VAL A 77 7.07 1.45 -2.08
C VAL A 77 8.32 2.36 -2.14
N ASP A 78 9.43 1.85 -2.64
CA ASP A 78 10.65 2.64 -2.78
C ASP A 78 10.80 3.32 -4.15
N GLY A 79 9.74 3.29 -4.96
CA GLY A 79 9.71 4.09 -6.20
C GLY A 79 10.11 3.35 -7.49
N ARG A 80 10.35 2.04 -7.45
CA ARG A 80 10.78 1.34 -8.68
CA ARG A 80 10.81 1.25 -8.64
C ARG A 80 9.59 0.81 -9.46
N PRO A 81 9.53 1.09 -10.79
CA PRO A 81 8.40 0.60 -11.59
C PRO A 81 8.21 -0.92 -11.44
N CYS A 82 6.95 -1.35 -11.35
CA CYS A 82 6.66 -2.76 -11.26
C CYS A 82 5.35 -3.08 -11.96
N LYS A 83 5.21 -4.37 -12.33
CA LYS A 83 3.97 -4.96 -12.72
C LYS A 83 3.30 -5.56 -11.47
N SER A 84 1.98 -5.33 -11.35
CA SER A 84 1.22 -5.75 -10.21
C SER A 84 -0.01 -6.53 -10.65
N LEU A 85 -0.51 -7.36 -9.74
CA LEU A 85 -1.76 -8.09 -9.93
C LEU A 85 -2.37 -8.28 -8.56
N VAL A 86 -3.61 -7.81 -8.43
CA VAL A 86 -4.39 -7.93 -7.22
C VAL A 86 -5.38 -9.08 -7.37
N LYS A 87 -5.48 -9.88 -6.34
CA LYS A 87 -6.51 -10.92 -6.20
C LYS A 87 -7.25 -10.76 -4.87
N TRP A 88 -8.46 -11.30 -4.82
CA TRP A 88 -9.16 -11.50 -3.57
C TRP A 88 -8.57 -12.74 -2.87
N GLU A 89 -7.87 -12.53 -1.76
CA GLU A 89 -7.55 -13.66 -0.90
C GLU A 89 -8.83 -14.18 -0.24
N SER A 90 -9.66 -13.23 0.19
CA SER A 90 -10.93 -13.54 0.81
C SER A 90 -11.86 -12.35 0.57
N GLU A 91 -13.10 -12.48 1.05
CA GLU A 91 -14.10 -11.52 0.68
C GLU A 91 -13.67 -10.09 1.01
N ASN A 92 -13.00 -9.90 2.15
CA ASN A 92 -12.66 -8.59 2.63
C ASN A 92 -11.16 -8.30 2.56
N LYS A 93 -10.39 -9.09 1.78
CA LYS A 93 -8.95 -8.92 1.77
C LYS A 93 -8.38 -9.12 0.36
N MET A 94 -7.77 -8.07 -0.16
CA MET A 94 -7.08 -8.12 -1.46
C MET A 94 -5.55 -8.25 -1.23
N VAL A 95 -4.90 -8.99 -2.13
CA VAL A 95 -3.47 -9.18 -2.08
C VAL A 95 -2.85 -8.86 -3.43
N CYS A 96 -1.79 -8.06 -3.40
CA CYS A 96 -1.08 -7.59 -4.60
C CYS A 96 0.33 -8.15 -4.66
N GLU A 97 0.61 -8.95 -5.68
CA GLU A 97 1.98 -9.37 -5.95
C GLU A 97 2.59 -8.44 -7.00
N GLN A 98 3.87 -8.11 -6.80
CA GLN A 98 4.62 -7.18 -7.61
C GLN A 98 5.84 -7.83 -8.24
N LYS A 99 6.16 -7.41 -9.47
CA LYS A 99 7.40 -7.85 -10.14
C LYS A 99 8.09 -6.64 -10.77
N LEU A 100 9.37 -6.44 -10.46
CA LEU A 100 10.05 -5.29 -11.01
C LEU A 100 10.05 -5.32 -12.55
N LEU A 101 9.92 -4.13 -13.17
CA LEU A 101 10.12 -4.02 -14.62
C LEU A 101 11.60 -4.16 -14.99
N LYS A 102 12.50 -3.67 -14.14
CA LYS A 102 13.94 -3.74 -14.37
C LYS A 102 14.69 -3.99 -13.06
N GLY A 103 15.78 -4.75 -13.18
CA GLY A 103 16.67 -4.97 -12.08
C GLY A 103 16.14 -6.06 -11.16
N GLU A 104 16.77 -6.17 -9.99
CA GLU A 104 16.49 -7.19 -9.00
C GLU A 104 16.31 -6.47 -7.68
N GLY A 105 15.64 -7.15 -6.75
CA GLY A 105 15.41 -6.63 -5.45
C GLY A 105 14.62 -7.61 -4.59
N PRO A 106 14.34 -7.23 -3.33
CA PRO A 106 13.49 -8.04 -2.46
C PRO A 106 12.12 -8.30 -3.11
N LYS A 107 11.53 -9.43 -2.77
CA LYS A 107 10.20 -9.72 -3.21
C LYS A 107 9.23 -8.80 -2.45
N THR A 108 8.41 -8.06 -3.21
CA THR A 108 7.50 -7.10 -2.62
C THR A 108 6.03 -7.43 -2.94
N SER A 109 5.19 -7.01 -2.01
CA SER A 109 3.75 -7.22 -2.12
C SER A 109 3.04 -6.22 -1.19
N TRP A 110 1.71 -6.12 -1.35
CA TRP A 110 0.93 -5.36 -0.42
C TRP A 110 -0.42 -6.04 -0.27
N THR A 111 -1.11 -5.75 0.85
CA THR A 111 -2.46 -6.28 1.08
C THR A 111 -3.33 -5.17 1.67
N ARG A 112 -4.62 -5.20 1.34
CA ARG A 112 -5.59 -4.30 2.02
C ARG A 112 -6.80 -5.13 2.48
N GLU A 113 -7.22 -4.90 3.74
CA GLU A 113 -8.27 -5.69 4.35
C GLU A 113 -9.25 -4.77 5.09
N LEU A 114 -10.53 -5.04 4.93
CA LEU A 114 -11.52 -4.42 5.81
C LEU A 114 -11.79 -5.35 6.99
N THR A 115 -11.52 -4.86 8.19
CA THR A 115 -11.65 -5.69 9.37
C THR A 115 -13.08 -5.60 9.89
N ASN A 116 -13.41 -6.49 10.83
CA ASN A 116 -14.76 -6.71 11.39
CA ASN A 116 -14.86 -6.64 11.21
C ASN A 116 -15.30 -5.41 12.02
N ASP A 117 -14.38 -4.56 12.50
CA ASP A 117 -14.64 -3.33 13.27
C ASP A 117 -14.87 -2.13 12.35
N GLY A 118 -14.77 -2.31 11.02
CA GLY A 118 -14.95 -1.20 10.07
C GLY A 118 -13.69 -0.53 9.61
N GLU A 119 -12.53 -0.95 10.14
CA GLU A 119 -11.27 -0.31 9.87
C GLU A 119 -10.61 -0.98 8.64
N LEU A 120 -9.53 -0.36 8.18
CA LEU A 120 -8.77 -0.86 7.02
C LEU A 120 -7.35 -1.14 7.51
N ILE A 121 -6.83 -2.30 7.11
CA ILE A 121 -5.44 -2.63 7.34
C ILE A 121 -4.75 -2.69 5.99
N LEU A 122 -3.64 -1.94 5.87
CA LEU A 122 -2.70 -2.09 4.77
C LEU A 122 -1.47 -2.81 5.32
N THR A 123 -1.01 -3.83 4.59
CA THR A 123 0.32 -4.30 4.81
C THR A 123 1.14 -4.10 3.56
N MET A 124 2.44 -3.86 3.77
CA MET A 124 3.44 -3.82 2.73
C MET A 124 4.60 -4.73 3.17
N THR A 125 5.06 -5.58 2.26
CA THR A 125 6.05 -6.59 2.60
C THR A 125 7.23 -6.48 1.64
N ALA A 126 8.43 -6.66 2.17
CA ALA A 126 9.67 -6.85 1.38
C ALA A 126 10.43 -7.98 2.05
N ASP A 127 10.55 -9.07 1.30
CA ASP A 127 11.12 -10.29 1.80
C ASP A 127 10.37 -10.66 3.08
N ASP A 128 11.03 -10.80 4.22
CA ASP A 128 10.33 -11.29 5.41
C ASP A 128 9.75 -10.12 6.25
N VAL A 129 10.02 -8.85 5.89
CA VAL A 129 9.67 -7.73 6.73
C VAL A 129 8.32 -7.15 6.30
N VAL A 130 7.45 -6.99 7.29
CA VAL A 130 6.09 -6.52 7.02
C VAL A 130 5.85 -5.21 7.78
N CYS A 131 5.29 -4.22 7.08
CA CYS A 131 4.78 -3.00 7.63
C CYS A 131 3.26 -3.12 7.67
N THR A 132 2.67 -2.77 8.81
CA THR A 132 1.22 -2.84 9.03
C THR A 132 0.72 -1.44 9.38
N ARG A 133 -0.31 -1.00 8.67
CA ARG A 133 -0.91 0.32 8.91
C ARG A 133 -2.42 0.17 9.00
N VAL A 134 -3.01 0.80 10.01
CA VAL A 134 -4.45 0.68 10.30
C VAL A 134 -5.06 2.07 10.14
N TYR A 135 -6.25 2.11 9.53
CA TYR A 135 -6.94 3.37 9.21
C TYR A 135 -8.42 3.24 9.60
N VAL A 136 -9.04 4.40 9.85
CA VAL A 136 -10.47 4.50 10.02
C VAL A 136 -10.93 5.60 9.05
N ARG A 137 -12.18 5.56 8.59
CA ARG A 137 -12.61 6.65 7.71
C ARG A 137 -12.64 7.96 8.50
N GLU A 138 -12.34 9.07 7.82
CA GLU A 138 -12.28 10.40 8.50
C GLU A 138 -13.61 10.79 9.14
#